data_3MP8
#
_entry.id   3MP8
#
_cell.length_a   49.760
_cell.length_b   95.100
_cell.length_c   114.430
_cell.angle_alpha   90.00
_cell.angle_beta   90.00
_cell.angle_gamma   90.00
#
_symmetry.space_group_name_H-M   'P 21 21 21'
#
loop_
_entity.id
_entity.type
_entity.pdbx_description
1 polymer 'Maltose-binding periplasmic protein,LINKER,SAGA-associated factor 29'
2 branched alpha-D-glucopyranose-(1-4)-alpha-D-glucopyranose
3 non-polymer GLYCEROL
4 non-polymer 'SULFATE ION'
5 non-polymer 'SODIUM ION'
6 non-polymer 'ACETIC ACID'
7 non-polymer 4-(HYDROXYMETHYL)BENZAMIDINE
8 water water
#
_entity_poly.entity_id   1
_entity_poly.type   'polypeptide(L)'
_entity_poly.pdbx_seq_one_letter_code
;MKIEEGKLVIWINGDKGYNGLAEVGKKFEKDTGIKVTVEHPDKLEEKFPQVAATGDGPDIIFWAHDRFGGYAQSGLLAEI
TPDKAFQDKLYPFTWDAVRYNGKLIAYPIAVEALSLIYNKDLLPNPPKTWEEIPALDKELKAKGKSALMFNLQEPYFTWP
LIAADGGYAFKYENGKYDIKDVGVDNAGAKAGLTFLVDLIKNKHMNADTDYSIAEAAFNKGETAMTINGPWAWSNIDTSK
VNYGVTVLPTFKGQPSKPFVGVLSAGINAASPNKELAKEFLENYLLTDEGLEAVNKDKPLGAVALKSYEEELAKDPRIAA
TMENAQKGEIMPNIPQMSAFWYAVRTAVINAASGRQTVDEALAAAQTNAAAEFGSSYWTSEYNPNAPILVGSEVAYKPRR
GSADGEWIQCEVLKVVADGTRFEVRDPEPDELGNSGKVYKCNRKELLLIPPGFPTKNYPPGTKVLARYPETTTFYPAIVI
GTKRDGTCRLRFDGEEEVDKETEVTRRLVLPSPTALANLARK
;
_entity_poly.pdbx_strand_id   A
#
# COMPACT_ATOMS: atom_id res chain seq x y z
N MET A 1 -3.22 4.19 35.13
CA MET A 1 -3.80 4.62 33.83
C MET A 1 -2.92 4.24 32.65
N LYS A 2 -3.53 4.14 31.48
CA LYS A 2 -2.82 3.85 30.22
C LYS A 2 -1.85 4.98 29.92
N ILE A 3 -0.69 4.63 29.36
CA ILE A 3 0.31 5.62 28.98
C ILE A 3 -0.24 6.63 27.96
N GLU A 4 -1.31 6.26 27.27
CA GLU A 4 -1.93 7.12 26.27
C GLU A 4 -2.82 8.23 26.82
N GLU A 5 -3.26 8.12 28.08
CA GLU A 5 -4.21 9.09 28.64
C GLU A 5 -3.61 10.47 28.85
N GLY A 6 -4.42 11.50 28.65
CA GLY A 6 -4.05 12.88 28.97
C GLY A 6 -3.38 13.66 27.86
N LYS A 7 -3.41 13.10 26.64
CA LYS A 7 -2.82 13.72 25.46
C LYS A 7 -3.50 13.20 24.19
N LEU A 8 -3.22 13.85 23.07
CA LEU A 8 -3.80 13.42 21.79
C LEU A 8 -2.71 13.12 20.77
N VAL A 9 -2.60 11.86 20.36
CA VAL A 9 -1.59 11.46 19.37
C VAL A 9 -2.29 11.15 18.06
N ILE A 10 -1.79 11.73 16.97
CA ILE A 10 -2.41 11.63 15.65
C ILE A 10 -1.41 11.11 14.62
N TRP A 11 -1.82 10.10 13.87
CA TRP A 11 -1.01 9.54 12.79
C TRP A 11 -1.61 9.84 11.43
N ILE A 12 -0.77 10.30 10.49
CA ILE A 12 -1.16 10.59 9.11
C ILE A 12 0.03 10.27 8.22
N ASN A 13 -0.23 9.90 6.97
CA ASN A 13 0.84 9.51 6.06
C ASN A 13 1.81 10.64 5.74
N GLY A 14 3.07 10.29 5.56
CA GLY A 14 4.15 11.26 5.33
C GLY A 14 4.06 12.10 4.07
N ASP A 15 3.23 11.70 3.12
CA ASP A 15 3.02 12.43 1.86
CA ASP A 15 3.08 12.50 1.90
C ASP A 15 1.92 13.49 1.98
N LYS A 16 1.26 13.55 3.12
CA LYS A 16 0.17 14.50 3.34
C LYS A 16 0.57 15.66 4.27
N GLY A 17 -0.37 16.57 4.52
CA GLY A 17 -0.03 17.81 5.22
C GLY A 17 0.06 17.72 6.73
N TYR A 18 1.02 16.95 7.23
CA TYR A 18 1.16 16.76 8.68
C TYR A 18 1.59 18.03 9.42
N ASN A 19 2.37 18.90 8.78
CA ASN A 19 2.72 20.18 9.41
C ASN A 19 1.50 21.09 9.52
N GLY A 20 0.69 21.11 8.46
CA GLY A 20 -0.58 21.85 8.49
C GLY A 20 -1.50 21.34 9.58
N LEU A 21 -1.56 20.02 9.73
CA LEU A 21 -2.37 19.41 10.78
C LEU A 21 -1.90 19.81 12.17
N ALA A 22 -0.58 19.88 12.36
CA ALA A 22 0.00 20.30 13.63
C ALA A 22 -0.37 21.74 14.00
N GLU A 23 -0.62 22.57 12.99
CA GLU A 23 -1.05 23.96 13.22
C GLU A 23 -2.45 23.97 13.82
N VAL A 24 -3.29 23.06 13.33
CA VAL A 24 -4.63 22.86 13.88
C VAL A 24 -4.48 22.31 15.30
N GLY A 25 -3.52 21.42 15.48
CA GLY A 25 -3.22 20.86 16.79
C GLY A 25 -2.84 21.95 17.79
N LYS A 26 -2.03 22.91 17.36
CA LYS A 26 -1.63 24.01 18.23
C LYS A 26 -2.80 24.88 18.66
N LYS A 27 -3.71 25.18 17.73
CA LYS A 27 -4.90 25.96 18.09
C LYS A 27 -5.71 25.24 19.16
N PHE A 28 -5.82 23.93 19.02
CA PHE A 28 -6.50 23.06 19.99
C PHE A 28 -5.81 23.11 21.35
N GLU A 29 -4.47 23.07 21.33
CA GLU A 29 -3.67 23.10 22.55
C GLU A 29 -3.89 24.38 23.34
N LYS A 30 -3.96 25.51 22.64
CA LYS A 30 -4.16 26.80 23.29
C LYS A 30 -5.48 26.86 24.06
N ASP A 31 -6.53 26.27 23.48
CA ASP A 31 -7.86 26.28 24.11
C ASP A 31 -8.02 25.23 25.21
N THR A 32 -7.36 24.08 25.06
CA THR A 32 -7.60 22.94 25.94
C THR A 32 -6.54 22.71 27.03
N GLY A 33 -5.32 23.16 26.79
CA GLY A 33 -4.22 22.87 27.70
C GLY A 33 -3.71 21.45 27.59
N ILE A 34 -4.07 20.78 26.49
CA ILE A 34 -3.68 19.39 26.24
C ILE A 34 -2.75 19.31 25.03
N LYS A 35 -1.63 18.61 25.18
CA LYS A 35 -0.65 18.46 24.10
C LYS A 35 -1.20 17.59 22.98
N VAL A 36 -1.00 18.04 21.75
CA VAL A 36 -1.36 17.27 20.55
C VAL A 36 -0.06 16.95 19.82
N THR A 37 0.09 15.68 19.44
CA THR A 37 1.29 15.22 18.74
C THR A 37 0.91 14.56 17.42
N VAL A 38 1.40 15.13 16.33
CA VAL A 38 1.18 14.55 15.00
C VAL A 38 2.43 13.81 14.57
N GLU A 39 2.25 12.57 14.15
CA GLU A 39 3.35 11.73 13.67
C GLU A 39 3.01 11.15 12.32
N HIS A 40 4.04 10.81 11.54
CA HIS A 40 3.87 10.23 10.21
C HIS A 40 4.78 9.03 10.01
N PRO A 41 4.52 7.93 10.73
CA PRO A 41 5.35 6.73 10.67
C PRO A 41 5.31 6.09 9.29
N ASP A 42 6.41 5.45 8.89
CA ASP A 42 6.45 4.66 7.66
C ASP A 42 5.53 3.46 7.79
N LYS A 43 5.02 2.96 6.67
CA LYS A 43 4.12 1.81 6.64
C LYS A 43 3.00 1.96 7.66
N LEU A 44 2.42 3.15 7.66
CA LEU A 44 1.38 3.54 8.60
C LEU A 44 0.16 2.61 8.61
N GLU A 45 -0.33 2.27 7.42
CA GLU A 45 -1.54 1.45 7.27
C GLU A 45 -1.43 0.09 7.95
N GLU A 46 -0.22 -0.45 8.01
CA GLU A 46 0.00 -1.74 8.65
C GLU A 46 0.51 -1.59 10.09
N LYS A 47 1.15 -0.46 10.36
CA LYS A 47 1.66 -0.17 11.70
C LYS A 47 0.52 0.04 12.70
N PHE A 48 -0.55 0.71 12.26
CA PHE A 48 -1.68 0.99 13.14
C PHE A 48 -2.25 -0.26 13.81
N PRO A 49 -2.67 -1.27 13.01
CA PRO A 49 -3.22 -2.47 13.66
C PRO A 49 -2.20 -3.20 14.54
N GLN A 50 -0.91 -3.08 14.23
CA GLN A 50 0.15 -3.69 15.04
C GLN A 50 0.12 -3.18 16.49
N VAL A 51 -0.01 -1.87 16.65
CA VAL A 51 0.01 -1.24 17.97
C VAL A 51 -1.37 -1.12 18.61
N ALA A 52 -2.41 -0.91 17.79
CA ALA A 52 -3.78 -0.78 18.28
C ALA A 52 -4.30 -2.10 18.82
N ALA A 53 -3.77 -3.20 18.31
CA ALA A 53 -4.17 -4.53 18.77
C ALA A 53 -3.77 -4.79 20.22
N THR A 54 -2.77 -4.06 20.71
CA THR A 54 -2.34 -4.20 22.10
C THR A 54 -2.97 -3.12 22.99
N GLY A 55 -3.91 -2.38 22.41
CA GLY A 55 -4.56 -1.28 23.12
C GLY A 55 -3.75 0.00 23.13
N ASP A 56 -2.69 0.04 22.33
CA ASP A 56 -1.84 1.21 22.23
C ASP A 56 -2.07 1.94 20.91
N GLY A 57 -1.11 2.78 20.51
CA GLY A 57 -1.22 3.50 19.24
C GLY A 57 -1.86 4.88 19.37
N PRO A 58 -2.00 5.59 18.24
CA PRO A 58 -2.53 6.94 18.23
C PRO A 58 -4.00 6.95 18.57
N ASP A 59 -4.50 8.09 19.03
CA ASP A 59 -5.91 8.24 19.33
C ASP A 59 -6.68 8.39 18.03
N ILE A 60 -6.05 9.06 17.06
CA ILE A 60 -6.64 9.29 15.74
C ILE A 60 -5.72 8.77 14.64
N ILE A 61 -6.32 8.06 13.68
CA ILE A 61 -5.58 7.54 12.55
C ILE A 61 -6.20 8.05 11.25
N PHE A 62 -5.37 8.58 10.37
CA PHE A 62 -5.81 9.06 9.06
C PHE A 62 -5.36 8.08 7.98
N TRP A 63 -6.31 7.71 7.12
CA TRP A 63 -6.00 6.90 5.94
C TRP A 63 -7.23 6.90 5.03
N ALA A 64 -7.05 6.50 3.78
CA ALA A 64 -8.18 6.29 2.88
C ALA A 64 -9.13 5.29 3.54
N HIS A 65 -10.42 5.46 3.29
CA HIS A 65 -11.49 4.70 3.94
C HIS A 65 -11.47 3.19 3.68
N ASP A 66 -10.77 2.74 2.64
CA ASP A 66 -10.81 1.31 2.27
C ASP A 66 -10.25 0.42 3.37
N ARG A 67 -9.29 0.95 4.13
CA ARG A 67 -8.64 0.21 5.23
C ARG A 67 -9.50 0.15 6.48
N PHE A 68 -10.41 1.11 6.62
CA PHE A 68 -11.17 1.32 7.87
C PHE A 68 -12.21 0.25 8.20
N GLY A 69 -12.76 -0.42 7.19
CA GLY A 69 -13.70 -1.52 7.44
C GLY A 69 -12.99 -2.65 8.15
N GLY A 70 -11.78 -2.96 7.68
CA GLY A 70 -10.92 -3.97 8.32
C GLY A 70 -10.56 -3.60 9.74
N TYR A 71 -10.18 -2.35 9.97
CA TYR A 71 -9.84 -1.86 11.30
C TYR A 71 -11.02 -2.00 12.26
N ALA A 72 -12.20 -1.59 11.79
CA ALA A 72 -13.42 -1.67 12.58
C ALA A 72 -13.78 -3.11 12.91
N GLN A 73 -13.72 -3.99 11.90
CA GLN A 73 -13.98 -5.42 12.08
C GLN A 73 -13.09 -6.03 13.14
N SER A 74 -11.82 -5.62 13.14
CA SER A 74 -10.83 -6.11 14.10
C SER A 74 -11.04 -5.49 15.49
N GLY A 75 -12.05 -4.65 15.63
CA GLY A 75 -12.36 -4.01 16.91
C GLY A 75 -11.39 -2.90 17.31
N LEU A 76 -10.81 -2.24 16.31
CA LEU A 76 -9.80 -1.20 16.54
C LEU A 76 -10.33 0.24 16.43
N LEU A 77 -11.58 0.39 16.00
CA LEU A 77 -12.14 1.72 15.78
C LEU A 77 -13.44 1.94 16.55
N ALA A 78 -13.50 3.06 17.27
CA ALA A 78 -14.71 3.41 18.00
C ALA A 78 -15.75 3.95 17.03
N GLU A 79 -17.02 3.70 17.35
CA GLU A 79 -18.12 4.29 16.59
C GLU A 79 -18.12 5.77 16.91
N ILE A 80 -18.23 6.62 15.89
CA ILE A 80 -18.27 8.06 16.11
C ILE A 80 -19.71 8.54 16.24
N THR A 81 -19.90 9.67 16.93
CA THR A 81 -21.26 10.13 17.25
C THR A 81 -21.55 11.59 16.88
N PRO A 82 -21.32 11.99 15.60
CA PRO A 82 -21.69 13.35 15.23
C PRO A 82 -23.21 13.50 15.18
N ASP A 83 -23.74 14.63 15.62
CA ASP A 83 -25.18 14.85 15.55
C ASP A 83 -25.60 15.16 14.12
N LYS A 84 -26.91 15.28 13.91
CA LYS A 84 -27.46 15.56 12.58
C LYS A 84 -26.92 16.86 12.00
N ALA A 85 -26.79 17.89 12.84
CA ALA A 85 -26.26 19.20 12.39
C ALA A 85 -24.83 19.11 11.88
N PHE A 86 -24.00 18.29 12.53
CA PHE A 86 -22.63 18.11 12.05
C PHE A 86 -22.61 17.31 10.76
N GLN A 87 -23.41 16.26 10.70
CA GLN A 87 -23.47 15.41 9.52
C GLN A 87 -23.89 16.19 8.27
N ASP A 88 -24.73 17.20 8.46
CA ASP A 88 -25.18 18.07 7.37
C ASP A 88 -24.05 18.87 6.72
N LYS A 89 -22.94 19.04 7.45
CA LYS A 89 -21.81 19.82 6.95
C LYS A 89 -20.99 19.09 5.87
N LEU A 90 -21.12 17.77 5.82
CA LEU A 90 -20.36 16.96 4.88
C LEU A 90 -21.27 16.28 3.86
N TYR A 91 -20.75 16.07 2.65
CA TYR A 91 -21.52 15.41 1.59
C TYR A 91 -21.95 14.02 2.04
N PRO A 92 -23.24 13.68 1.83
CA PRO A 92 -23.78 12.38 2.20
C PRO A 92 -22.96 11.20 1.70
N PHE A 93 -22.39 11.32 0.50
CA PHE A 93 -21.62 10.22 -0.07
C PHE A 93 -20.33 9.93 0.69
N THR A 94 -19.76 10.96 1.32
CA THR A 94 -18.56 10.78 2.13
C THR A 94 -18.85 9.97 3.39
N TRP A 95 -20.01 10.24 4.01
CA TRP A 95 -20.45 9.47 5.17
C TRP A 95 -20.66 7.99 4.83
N ASP A 96 -21.18 7.72 3.63
CA ASP A 96 -21.40 6.32 3.20
C ASP A 96 -20.10 5.55 3.15
N ALA A 97 -19.02 6.24 2.78
CA ALA A 97 -17.70 5.62 2.66
C ALA A 97 -17.12 5.18 4.00
N VAL A 98 -17.58 5.82 5.08
CA VAL A 98 -17.09 5.52 6.43
C VAL A 98 -18.13 4.80 7.29
N ARG A 99 -19.09 4.13 6.64
CA ARG A 99 -20.07 3.35 7.36
C ARG A 99 -19.67 1.88 7.29
N TYR A 100 -19.70 1.20 8.43
CA TYR A 100 -19.42 -0.22 8.48
C TYR A 100 -20.43 -0.91 9.39
N ASN A 101 -21.05 -1.97 8.87
CA ASN A 101 -22.09 -2.69 9.59
C ASN A 101 -23.17 -1.74 10.11
N GLY A 102 -23.50 -0.73 9.30
CA GLY A 102 -24.55 0.24 9.64
C GLY A 102 -24.14 1.36 10.60
N LYS A 103 -22.89 1.36 11.04
CA LYS A 103 -22.39 2.37 11.98
C LYS A 103 -21.31 3.23 11.36
N LEU A 104 -21.28 4.50 11.73
CA LEU A 104 -20.22 5.40 11.30
C LEU A 104 -18.95 5.11 12.11
N ILE A 105 -17.85 4.85 11.43
CA ILE A 105 -16.61 4.49 12.12
C ILE A 105 -15.41 5.41 11.87
N ALA A 106 -15.66 6.56 11.23
CA ALA A 106 -14.63 7.56 10.94
C ALA A 106 -15.23 8.85 10.41
N TYR A 107 -14.48 9.93 10.53
CA TYR A 107 -14.85 11.23 9.96
C TYR A 107 -14.22 11.38 8.59
N PRO A 108 -15.04 11.60 7.54
CA PRO A 108 -14.50 11.87 6.21
C PRO A 108 -13.75 13.19 6.19
N ILE A 109 -12.67 13.26 5.43
CA ILE A 109 -11.87 14.48 5.33
C ILE A 109 -11.85 15.00 3.89
N ALA A 110 -11.46 14.15 2.94
CA ALA A 110 -11.32 14.58 1.56
C ALA A 110 -11.40 13.42 0.56
N VAL A 111 -11.85 13.74 -0.65
CA VAL A 111 -11.93 12.77 -1.73
C VAL A 111 -10.64 12.84 -2.55
N GLU A 112 -10.03 11.67 -2.74
CA GLU A 112 -8.79 11.53 -3.50
C GLU A 112 -9.04 10.70 -4.74
N ALA A 113 -8.48 11.16 -5.86
CA ALA A 113 -8.53 10.40 -7.10
C ALA A 113 -7.27 10.74 -7.87
N LEU A 114 -6.70 9.72 -8.52
CA LEU A 114 -5.51 9.91 -9.35
C LEU A 114 -5.87 10.67 -10.62
N SER A 115 -4.93 11.49 -11.09
CA SER A 115 -5.08 12.24 -12.32
C SER A 115 -3.81 12.11 -13.14
N LEU A 116 -3.89 12.47 -14.41
CA LEU A 116 -2.72 12.54 -15.27
C LEU A 116 -2.10 13.91 -15.07
N ILE A 117 -0.85 13.92 -14.62
CA ILE A 117 -0.10 15.15 -14.45
C ILE A 117 0.96 15.21 -15.54
N TYR A 118 1.00 16.30 -16.28
CA TYR A 118 1.91 16.41 -17.43
C TYR A 118 2.66 17.74 -17.46
N ASN A 119 3.84 17.71 -18.07
CA ASN A 119 4.68 18.89 -18.24
C ASN A 119 4.25 19.61 -19.52
N LYS A 120 3.66 20.79 -19.35
CA LYS A 120 3.13 21.56 -20.49
C LYS A 120 4.19 22.02 -21.48
N ASP A 121 5.42 22.22 -21.00
CA ASP A 121 6.52 22.63 -21.85
C ASP A 121 6.97 21.50 -22.78
N LEU A 122 7.15 20.31 -22.20
CA LEU A 122 7.53 19.13 -22.96
C LEU A 122 6.38 18.59 -23.77
N LEU A 123 5.17 18.74 -23.22
CA LEU A 123 3.98 18.11 -23.79
C LEU A 123 2.73 19.00 -23.66
N PRO A 124 2.65 20.08 -24.45
CA PRO A 124 1.50 20.99 -24.45
C PRO A 124 0.17 20.28 -24.67
N ASN A 125 0.19 19.21 -25.46
CA ASN A 125 -1.02 18.44 -25.72
C ASN A 125 -0.87 16.98 -25.30
N PRO A 126 -1.24 16.67 -24.04
CA PRO A 126 -1.13 15.31 -23.51
C PRO A 126 -2.01 14.32 -24.26
N PRO A 127 -1.62 13.03 -24.27
CA PRO A 127 -2.36 12.01 -25.00
C PRO A 127 -3.74 11.73 -24.41
N LYS A 128 -4.70 11.45 -25.29
CA LYS A 128 -6.03 11.06 -24.87
C LYS A 128 -6.09 9.57 -24.57
N THR A 129 -5.16 8.81 -25.15
CA THR A 129 -5.17 7.35 -25.04
C THR A 129 -3.85 6.80 -24.49
N TRP A 130 -3.93 5.65 -23.83
CA TRP A 130 -2.75 4.92 -23.39
C TRP A 130 -1.96 4.42 -24.61
N GLU A 131 -2.69 4.06 -25.65
CA GLU A 131 -2.10 3.49 -26.87
C GLU A 131 -1.07 4.37 -27.58
N GLU A 132 -1.13 5.68 -27.35
CA GLU A 132 -0.21 6.59 -28.04
C GLU A 132 1.05 6.93 -27.25
N ILE A 133 1.16 6.41 -26.03
CA ILE A 133 2.34 6.65 -25.17
C ILE A 133 3.64 6.00 -25.68
N PRO A 134 3.57 4.76 -26.20
CA PRO A 134 4.77 4.16 -26.80
C PRO A 134 5.44 5.06 -27.84
N ALA A 135 4.69 5.51 -28.84
CA ALA A 135 5.19 6.42 -29.86
C ALA A 135 5.73 7.71 -29.24
N LEU A 136 4.98 8.26 -28.30
CA LEU A 136 5.37 9.49 -27.59
C LEU A 136 6.68 9.32 -26.84
N ASP A 137 6.86 8.16 -26.22
CA ASP A 137 8.09 7.88 -25.49
C ASP A 137 9.33 7.83 -26.39
N LYS A 138 9.23 7.12 -27.52
CA LYS A 138 10.39 7.00 -28.40
C LYS A 138 10.82 8.36 -28.96
N GLU A 139 9.86 9.25 -29.15
CA GLU A 139 10.15 10.61 -29.57
C GLU A 139 10.89 11.39 -28.48
N LEU A 140 10.43 11.23 -27.24
CA LEU A 140 11.06 11.90 -26.10
C LEU A 140 12.41 11.30 -25.73
N LYS A 141 12.55 9.99 -25.91
CA LYS A 141 13.82 9.29 -25.66
C LYS A 141 14.94 9.87 -26.50
N ALA A 142 14.60 10.27 -27.73
CA ALA A 142 15.53 10.91 -28.64
C ALA A 142 16.06 12.25 -28.13
N LYS A 143 15.37 12.83 -27.15
CA LYS A 143 15.83 14.07 -26.52
C LYS A 143 16.25 13.85 -25.07
N GLY A 144 16.52 12.60 -24.70
CA GLY A 144 16.94 12.26 -23.34
C GLY A 144 15.84 12.33 -22.29
N LYS A 145 14.59 12.32 -22.73
CA LYS A 145 13.44 12.35 -21.82
C LYS A 145 12.63 11.07 -21.95
N SER A 146 11.64 10.90 -21.06
CA SER A 146 10.72 9.77 -21.16
C SER A 146 9.29 10.31 -21.15
N ALA A 147 8.34 9.52 -21.66
CA ALA A 147 6.94 9.92 -21.73
C ALA A 147 6.23 9.90 -20.37
N LEU A 148 6.40 8.79 -19.64
CA LEU A 148 5.60 8.57 -18.43
C LEU A 148 6.36 7.79 -17.36
N MET A 149 6.23 8.25 -16.11
CA MET A 149 6.79 7.56 -14.97
C MET A 149 5.86 7.67 -13.76
N PHE A 150 5.52 6.53 -13.18
CA PHE A 150 4.71 6.49 -11.97
C PHE A 150 5.06 5.26 -11.13
N ASN A 151 4.64 5.29 -9.86
CA ASN A 151 4.92 4.22 -8.91
C ASN A 151 4.37 2.87 -9.36
N LEU A 152 5.27 1.94 -9.67
CA LEU A 152 4.89 0.59 -10.09
C LEU A 152 4.96 -0.42 -8.96
N GLN A 153 5.21 0.05 -7.74
CA GLN A 153 5.34 -0.82 -6.57
C GLN A 153 4.07 -0.88 -5.74
N GLU A 154 3.17 0.08 -5.96
CA GLU A 154 1.86 0.10 -5.32
C GLU A 154 0.76 0.00 -6.37
N PRO A 155 -0.10 -1.04 -6.27
CA PRO A 155 -1.13 -1.32 -7.27
C PRO A 155 -2.17 -0.20 -7.43
N TYR A 156 -2.25 0.69 -6.45
CA TYR A 156 -3.13 1.85 -6.50
C TYR A 156 -3.00 2.61 -7.83
N PHE A 157 -1.75 2.76 -8.28
CA PHE A 157 -1.44 3.58 -9.46
C PHE A 157 -1.69 2.88 -10.79
N THR A 158 -1.67 1.55 -10.78
CA THR A 158 -1.90 0.75 -11.98
C THR A 158 -3.39 0.36 -12.12
N TRP A 159 -4.12 0.37 -11.00
CA TRP A 159 -5.53 0.01 -11.01
C TRP A 159 -6.42 0.73 -12.06
N PRO A 160 -6.20 2.05 -12.29
CA PRO A 160 -7.07 2.71 -13.26
C PRO A 160 -7.00 2.04 -14.65
N LEU A 161 -5.81 1.57 -15.01
CA LEU A 161 -5.59 0.89 -16.29
C LEU A 161 -6.17 -0.52 -16.29
N ILE A 162 -6.05 -1.23 -15.16
CA ILE A 162 -6.60 -2.58 -15.02
C ILE A 162 -8.12 -2.56 -15.14
N ALA A 163 -8.74 -1.56 -14.53
CA ALA A 163 -10.19 -1.43 -14.49
C ALA A 163 -10.79 -0.84 -15.77
N ALA A 164 -9.97 -0.15 -16.56
CA ALA A 164 -10.45 0.55 -17.75
C ALA A 164 -11.33 -0.31 -18.66
N ASP A 165 -10.81 -1.48 -19.04
CA ASP A 165 -11.49 -2.36 -19.99
C ASP A 165 -12.35 -3.46 -19.34
N GLY A 166 -12.54 -3.40 -18.02
CA GLY A 166 -13.45 -4.31 -17.35
C GLY A 166 -12.99 -4.97 -16.06
N GLY A 167 -11.73 -4.73 -15.67
CA GLY A 167 -11.21 -5.25 -14.41
C GLY A 167 -11.97 -4.66 -13.22
N TYR A 168 -12.21 -5.47 -12.19
CA TYR A 168 -12.85 -4.98 -10.96
C TYR A 168 -12.41 -5.78 -9.75
N ALA A 169 -12.70 -5.27 -8.57
CA ALA A 169 -12.32 -5.92 -7.32
C ALA A 169 -13.34 -6.97 -6.87
N PHE A 170 -14.46 -6.50 -6.31
CA PHE A 170 -15.55 -7.36 -5.85
C PHE A 170 -16.84 -6.86 -6.45
N LYS A 171 -17.65 -7.79 -6.94
CA LYS A 171 -18.93 -7.44 -7.57
C LYS A 171 -19.96 -7.05 -6.51
N TYR A 172 -20.61 -5.91 -6.73
CA TYR A 172 -21.64 -5.43 -5.83
C TYR A 172 -23.02 -5.97 -6.23
N GLU A 173 -23.55 -6.89 -5.42
CA GLU A 173 -24.84 -7.54 -5.69
C GLU A 173 -25.66 -7.65 -4.40
N ASN A 174 -26.97 -7.44 -4.53
CA ASN A 174 -27.90 -7.52 -3.39
C ASN A 174 -27.54 -6.56 -2.25
N GLY A 175 -27.14 -5.34 -2.62
CA GLY A 175 -26.78 -4.31 -1.64
C GLY A 175 -25.51 -4.59 -0.85
N LYS A 176 -24.61 -5.41 -1.41
CA LYS A 176 -23.34 -5.76 -0.76
C LYS A 176 -22.30 -6.28 -1.74
N TYR A 177 -21.03 -6.24 -1.32
CA TYR A 177 -19.95 -6.79 -2.13
C TYR A 177 -19.84 -8.30 -1.97
N ASP A 178 -19.77 -8.99 -3.10
CA ASP A 178 -19.67 -10.44 -3.13
C ASP A 178 -18.20 -10.84 -3.23
N ILE A 179 -17.64 -11.29 -2.11
CA ILE A 179 -16.22 -11.66 -2.01
C ILE A 179 -15.83 -12.86 -2.87
N LYS A 180 -16.84 -13.62 -3.32
CA LYS A 180 -16.64 -14.78 -4.18
C LYS A 180 -16.67 -14.41 -5.66
N ASP A 181 -16.99 -13.15 -5.94
CA ASP A 181 -17.04 -12.64 -7.31
C ASP A 181 -15.96 -11.58 -7.50
N VAL A 182 -14.75 -12.05 -7.81
CA VAL A 182 -13.58 -11.18 -8.01
C VAL A 182 -13.32 -11.02 -9.50
N GLY A 183 -13.00 -9.80 -9.93
CA GLY A 183 -12.78 -9.50 -11.34
C GLY A 183 -11.38 -9.06 -11.69
N VAL A 184 -10.39 -9.58 -10.97
CA VAL A 184 -8.99 -9.23 -11.21
C VAL A 184 -8.36 -10.08 -12.31
N ASP A 185 -9.10 -11.09 -12.77
CA ASP A 185 -8.57 -12.05 -13.74
C ASP A 185 -9.44 -12.22 -15.00
N ASN A 186 -10.31 -11.24 -15.26
CA ASN A 186 -11.11 -11.28 -16.48
C ASN A 186 -10.38 -10.69 -17.68
N ALA A 187 -11.00 -10.72 -18.85
CA ALA A 187 -10.40 -10.25 -20.10
C ALA A 187 -9.94 -8.79 -20.00
N GLY A 188 -10.74 -7.95 -19.35
CA GLY A 188 -10.40 -6.54 -19.16
C GLY A 188 -9.15 -6.31 -18.32
N ALA A 189 -9.07 -7.01 -17.19
CA ALA A 189 -7.92 -6.89 -16.29
C ALA A 189 -6.64 -7.36 -16.98
N LYS A 190 -6.73 -8.50 -17.67
CA LYS A 190 -5.62 -9.06 -18.41
C LYS A 190 -5.12 -8.09 -19.48
N ALA A 191 -6.05 -7.48 -20.21
CA ALA A 191 -5.71 -6.52 -21.26
C ALA A 191 -4.95 -5.32 -20.71
N GLY A 192 -5.44 -4.77 -19.60
CA GLY A 192 -4.80 -3.62 -18.96
C GLY A 192 -3.38 -3.90 -18.50
N LEU A 193 -3.21 -4.99 -17.76
CA LEU A 193 -1.89 -5.36 -17.24
C LEU A 193 -0.92 -5.74 -18.37
N THR A 194 -1.43 -6.43 -19.39
CA THR A 194 -0.62 -6.78 -20.57
C THR A 194 -0.02 -5.52 -21.20
N PHE A 195 -0.85 -4.48 -21.35
CA PHE A 195 -0.38 -3.21 -21.90
C PHE A 195 0.74 -2.63 -21.05
N LEU A 196 0.58 -2.69 -19.72
CA LEU A 196 1.60 -2.23 -18.80
C LEU A 196 2.91 -3.02 -18.96
N VAL A 197 2.79 -4.34 -18.99
CA VAL A 197 3.94 -5.23 -19.17
C VAL A 197 4.63 -4.97 -20.52
N ASP A 198 3.83 -4.73 -21.56
CA ASP A 198 4.38 -4.42 -22.89
C ASP A 198 5.15 -3.09 -22.91
N LEU A 199 4.69 -2.11 -22.14
CA LEU A 199 5.42 -0.85 -21.99
C LEU A 199 6.81 -1.12 -21.42
N ILE A 200 6.87 -1.99 -20.42
CA ILE A 200 8.13 -2.35 -19.78
C ILE A 200 9.02 -3.15 -20.74
N LYS A 201 8.44 -4.17 -21.37
CA LYS A 201 9.16 -5.00 -22.35
C LYS A 201 9.77 -4.17 -23.48
N ASN A 202 9.07 -3.11 -23.88
CA ASN A 202 9.53 -2.25 -24.96
C ASN A 202 10.32 -1.03 -24.49
N LYS A 203 10.79 -1.07 -23.24
CA LYS A 203 11.67 -0.05 -22.66
C LYS A 203 11.03 1.34 -22.53
N HIS A 204 9.70 1.37 -22.43
CA HIS A 204 8.99 2.64 -22.21
C HIS A 204 8.82 2.94 -20.72
N MET A 205 8.99 1.91 -19.89
CA MET A 205 8.99 2.05 -18.43
C MET A 205 9.91 1.03 -17.76
N ASN A 206 10.33 1.34 -16.53
CA ASN A 206 11.18 0.45 -15.73
C ASN A 206 10.36 -0.16 -14.59
N ALA A 207 10.34 -1.48 -14.50
CA ALA A 207 9.61 -2.20 -13.45
C ALA A 207 9.98 -1.78 -12.02
N ASP A 208 11.18 -1.24 -11.86
CA ASP A 208 11.70 -0.82 -10.56
C ASP A 208 11.25 0.58 -10.11
N THR A 209 10.65 1.34 -11.02
CA THR A 209 10.18 2.69 -10.71
C THR A 209 9.23 2.67 -9.52
N ASP A 210 9.57 3.44 -8.48
CA ASP A 210 8.72 3.56 -7.31
C ASP A 210 8.22 5.00 -7.17
N TYR A 211 7.63 5.32 -6.02
CA TYR A 211 7.09 6.65 -5.79
C TYR A 211 8.17 7.74 -5.85
N SER A 212 9.27 7.49 -5.13
CA SER A 212 10.36 8.44 -5.02
C SER A 212 11.02 8.74 -6.36
N ILE A 213 11.29 7.68 -7.13
CA ILE A 213 11.92 7.82 -8.44
C ILE A 213 11.01 8.56 -9.42
N ALA A 214 9.72 8.20 -9.42
CA ALA A 214 8.75 8.84 -10.32
C ALA A 214 8.58 10.33 -10.03
N GLU A 215 8.48 10.68 -8.76
CA GLU A 215 8.31 12.06 -8.34
C GLU A 215 9.53 12.91 -8.71
N ALA A 216 10.72 12.39 -8.41
CA ALA A 216 11.99 13.07 -8.72
C ALA A 216 12.15 13.33 -10.23
N ALA A 217 11.81 12.32 -11.04
CA ALA A 217 11.92 12.42 -12.49
C ALA A 217 11.00 13.49 -13.08
N PHE A 218 9.76 13.54 -12.59
CA PHE A 218 8.81 14.53 -13.08
C PHE A 218 9.18 15.94 -12.62
N ASN A 219 9.51 16.06 -11.34
CA ASN A 219 9.81 17.36 -10.73
C ASN A 219 11.14 17.95 -11.19
N LYS A 220 11.94 17.14 -11.89
CA LYS A 220 13.19 17.60 -12.48
C LYS A 220 13.07 17.76 -14.01
N GLY A 221 11.85 17.55 -14.52
CA GLY A 221 11.57 17.71 -15.95
C GLY A 221 12.21 16.66 -16.84
N GLU A 222 12.42 15.45 -16.29
CA GLU A 222 13.06 14.36 -17.04
C GLU A 222 12.02 13.47 -17.72
N THR A 223 10.80 13.48 -17.19
CA THR A 223 9.68 12.73 -17.78
C THR A 223 8.52 13.68 -18.05
N ALA A 224 7.80 13.43 -19.14
CA ALA A 224 6.71 14.33 -19.57
C ALA A 224 5.43 14.16 -18.74
N MET A 225 5.23 12.98 -18.18
CA MET A 225 3.99 12.68 -17.47
C MET A 225 4.21 11.84 -16.22
N THR A 226 3.25 11.91 -15.30
CA THR A 226 3.22 11.07 -14.12
C THR A 226 1.77 10.85 -13.70
N ILE A 227 1.54 9.90 -12.82
CA ILE A 227 0.19 9.65 -12.31
C ILE A 227 0.23 9.75 -10.80
N ASN A 228 -0.49 10.73 -10.25
CA ASN A 228 -0.45 10.98 -8.81
C ASN A 228 -1.72 11.67 -8.33
N GLY A 229 -1.82 11.85 -7.02
CA GLY A 229 -2.97 12.50 -6.41
C GLY A 229 -2.66 13.92 -5.96
N PRO A 230 -3.68 14.61 -5.42
CA PRO A 230 -3.61 16.02 -4.99
C PRO A 230 -2.46 16.36 -4.05
N TRP A 231 -2.10 15.43 -3.17
CA TRP A 231 -1.02 15.63 -2.20
C TRP A 231 0.31 15.98 -2.84
N ALA A 232 0.50 15.53 -4.09
CA ALA A 232 1.77 15.69 -4.80
C ALA A 232 1.96 17.06 -5.45
N TRP A 233 0.88 17.82 -5.62
CA TRP A 233 0.93 19.11 -6.34
C TRP A 233 1.87 20.11 -5.68
N SER A 234 1.93 20.07 -4.35
CA SER A 234 2.76 20.99 -3.57
C SER A 234 4.24 20.91 -3.95
N ASN A 235 4.79 19.69 -4.00
CA ASN A 235 6.19 19.49 -4.40
C ASN A 235 6.45 19.91 -5.84
N ILE A 236 5.44 19.73 -6.71
CA ILE A 236 5.54 20.18 -8.10
C ILE A 236 5.55 21.72 -8.19
N ASP A 237 4.77 22.38 -7.31
CA ASP A 237 4.77 23.84 -7.21
C ASP A 237 6.17 24.38 -6.90
N THR A 238 6.87 23.70 -5.99
CA THR A 238 8.23 24.08 -5.59
C THR A 238 9.26 23.80 -6.70
N SER A 239 8.98 22.78 -7.52
CA SER A 239 9.89 22.38 -8.59
C SER A 239 9.96 23.39 -9.72
N LYS A 240 8.91 24.19 -9.86
CA LYS A 240 8.79 25.21 -10.91
C LYS A 240 8.36 24.64 -12.27
N VAL A 241 8.19 23.32 -12.34
CA VAL A 241 7.68 22.65 -13.54
C VAL A 241 6.32 23.23 -13.92
N ASN A 242 6.15 23.57 -15.19
CA ASN A 242 4.88 24.06 -15.71
C ASN A 242 3.93 22.89 -15.98
N TYR A 243 3.19 22.49 -14.95
CA TYR A 243 2.36 21.28 -15.04
C TYR A 243 0.87 21.57 -15.18
N GLY A 244 0.17 20.59 -15.76
CA GLY A 244 -1.29 20.60 -15.80
C GLY A 244 -1.79 19.29 -15.20
N VAL A 245 -3.04 19.31 -14.76
CA VAL A 245 -3.69 18.12 -14.20
C VAL A 245 -4.91 17.84 -15.06
N THR A 246 -5.01 16.61 -15.58
CA THR A 246 -6.08 16.29 -16.53
C THR A 246 -6.63 14.87 -16.38
N VAL A 247 -7.63 14.56 -17.20
CA VAL A 247 -8.22 13.23 -17.27
C VAL A 247 -7.17 12.21 -17.69
N LEU A 248 -7.20 11.05 -17.02
CA LEU A 248 -6.32 9.94 -17.35
C LEU A 248 -6.62 9.46 -18.78
N PRO A 249 -5.61 8.89 -19.46
CA PRO A 249 -5.84 8.41 -20.82
C PRO A 249 -6.84 7.27 -20.87
N THR A 250 -7.51 7.11 -22.01
CA THR A 250 -8.44 6.00 -22.21
C THR A 250 -7.65 4.75 -22.58
N PHE A 251 -8.22 3.58 -22.35
CA PHE A 251 -7.62 2.33 -22.81
C PHE A 251 -8.67 1.54 -23.57
N LYS A 252 -8.33 1.14 -24.80
CA LYS A 252 -9.27 0.47 -25.71
C LYS A 252 -10.57 1.28 -25.84
N GLY A 253 -10.43 2.59 -25.86
CA GLY A 253 -11.58 3.50 -26.00
C GLY A 253 -12.38 3.71 -24.72
N GLN A 254 -11.95 3.08 -23.64
CA GLN A 254 -12.64 3.16 -22.35
C GLN A 254 -11.89 4.07 -21.39
N PRO A 255 -12.60 4.94 -20.66
CA PRO A 255 -11.90 5.79 -19.70
C PRO A 255 -11.22 4.95 -18.62
N SER A 256 -10.07 5.43 -18.12
CA SER A 256 -9.41 4.79 -16.98
C SER A 256 -10.26 4.99 -15.73
N LYS A 257 -10.31 3.97 -14.88
CA LYS A 257 -11.22 3.98 -13.73
C LYS A 257 -10.45 3.85 -12.41
N PRO A 258 -9.91 4.97 -11.89
CA PRO A 258 -9.16 4.90 -10.65
C PRO A 258 -10.07 4.58 -9.46
N PHE A 259 -9.52 3.87 -8.48
CA PHE A 259 -10.23 3.59 -7.25
C PHE A 259 -10.22 4.86 -6.43
N VAL A 260 -11.41 5.36 -6.09
CA VAL A 260 -11.54 6.63 -5.38
C VAL A 260 -11.46 6.42 -3.87
N GLY A 261 -10.57 7.16 -3.23
CA GLY A 261 -10.38 7.08 -1.78
C GLY A 261 -10.92 8.29 -1.06
N VAL A 262 -11.50 8.06 0.11
CA VAL A 262 -11.94 9.14 0.98
C VAL A 262 -11.00 9.14 2.18
N LEU A 263 -10.07 10.10 2.22
CA LEU A 263 -9.21 10.25 3.37
C LEU A 263 -10.10 10.45 4.58
N SER A 264 -9.91 9.62 5.61
CA SER A 264 -10.78 9.65 6.78
C SER A 264 -10.00 9.59 8.09
N ALA A 265 -10.62 10.10 9.15
CA ALA A 265 -10.02 10.12 10.48
C ALA A 265 -10.82 9.24 11.44
N GLY A 266 -10.20 8.16 11.90
CA GLY A 266 -10.84 7.22 12.82
C GLY A 266 -10.33 7.41 14.23
N ILE A 267 -11.14 7.02 15.21
CA ILE A 267 -10.76 7.11 16.61
C ILE A 267 -10.47 5.71 17.16
N ASN A 268 -9.26 5.54 17.71
CA ASN A 268 -8.83 4.29 18.31
C ASN A 268 -9.84 3.83 19.36
N ALA A 269 -10.37 2.62 19.18
CA ALA A 269 -11.35 2.08 20.12
C ALA A 269 -10.80 1.94 21.55
N ALA A 270 -9.49 1.77 21.66
CA ALA A 270 -8.87 1.63 22.99
C ALA A 270 -8.46 2.97 23.60
N SER A 271 -8.61 4.05 22.84
CA SER A 271 -8.20 5.38 23.31
C SER A 271 -8.96 5.83 24.57
N PRO A 272 -8.23 6.37 25.57
CA PRO A 272 -8.86 6.94 26.76
C PRO A 272 -9.11 8.44 26.55
N ASN A 273 -9.01 8.89 25.30
CA ASN A 273 -9.16 10.29 24.94
C ASN A 273 -10.23 10.50 23.85
N LYS A 274 -11.27 9.67 23.86
CA LYS A 274 -12.25 9.68 22.76
C LYS A 274 -13.05 10.97 22.61
N GLU A 275 -13.59 11.47 23.72
CA GLU A 275 -14.36 12.72 23.70
C GLU A 275 -13.46 13.89 23.26
N LEU A 276 -12.23 13.90 23.75
CA LEU A 276 -11.24 14.90 23.34
C LEU A 276 -11.01 14.85 21.83
N ALA A 277 -10.84 13.64 21.30
CA ALA A 277 -10.62 13.45 19.86
C ALA A 277 -11.83 13.92 19.04
N LYS A 278 -13.03 13.63 19.52
CA LYS A 278 -14.27 14.09 18.86
C LYS A 278 -14.28 15.61 18.73
N GLU A 279 -13.98 16.28 19.85
CA GLU A 279 -13.95 17.75 19.87
C GLU A 279 -12.90 18.27 18.89
N PHE A 280 -11.72 17.68 18.89
CA PHE A 280 -10.67 18.10 17.95
C PHE A 280 -11.12 18.00 16.50
N LEU A 281 -11.66 16.84 16.13
CA LEU A 281 -12.05 16.56 14.75
C LEU A 281 -13.25 17.40 14.29
N GLU A 282 -14.28 17.47 15.13
CA GLU A 282 -15.52 18.17 14.79
C GLU A 282 -15.43 19.70 14.88
N ASN A 283 -14.72 20.20 15.88
CA ASN A 283 -14.74 21.63 16.14
C ASN A 283 -13.48 22.39 15.73
N TYR A 284 -12.42 21.66 15.39
CA TYR A 284 -11.17 22.30 15.00
C TYR A 284 -10.77 21.92 13.58
N LEU A 285 -10.63 20.63 13.31
CA LEU A 285 -10.18 20.19 11.99
C LEU A 285 -11.22 20.40 10.90
N LEU A 286 -12.42 19.86 11.10
CA LEU A 286 -13.46 19.94 10.08
C LEU A 286 -14.16 21.30 10.11
N THR A 287 -13.36 22.35 9.90
CA THR A 287 -13.83 23.72 9.78
C THR A 287 -13.10 24.31 8.58
N ASP A 288 -13.57 25.44 8.07
CA ASP A 288 -12.88 26.09 6.94
C ASP A 288 -11.43 26.37 7.29
N GLU A 289 -11.21 26.92 8.50
CA GLU A 289 -9.88 27.31 8.94
C GLU A 289 -8.98 26.09 9.14
N GLY A 290 -9.54 25.03 9.74
CA GLY A 290 -8.79 23.80 9.99
C GLY A 290 -8.33 23.11 8.72
N LEU A 291 -9.26 22.90 7.80
CA LEU A 291 -8.93 22.26 6.53
C LEU A 291 -8.00 23.13 5.67
N GLU A 292 -8.18 24.44 5.73
CA GLU A 292 -7.31 25.37 5.01
C GLU A 292 -5.84 25.19 5.41
N ALA A 293 -5.60 25.04 6.71
CA ALA A 293 -4.24 24.88 7.23
C ALA A 293 -3.59 23.62 6.67
N VAL A 294 -4.33 22.51 6.70
CA VAL A 294 -3.83 21.24 6.16
C VAL A 294 -3.65 21.35 4.65
N ASN A 295 -4.65 21.91 3.97
CA ASN A 295 -4.66 22.04 2.52
C ASN A 295 -3.50 22.87 1.98
N LYS A 296 -3.19 23.98 2.66
CA LYS A 296 -2.07 24.86 2.27
C LYS A 296 -0.71 24.17 2.36
N ASP A 297 -0.61 23.16 3.23
CA ASP A 297 0.61 22.38 3.37
C ASP A 297 0.71 21.39 2.19
N LYS A 298 -0.25 20.48 2.13
CA LYS A 298 -0.37 19.53 1.03
C LYS A 298 -1.85 19.44 0.65
N PRO A 299 -2.18 19.74 -0.62
CA PRO A 299 -3.59 19.70 -1.07
C PRO A 299 -4.29 18.39 -0.69
N LEU A 300 -5.47 18.51 -0.09
CA LEU A 300 -6.24 17.37 0.38
C LEU A 300 -7.04 16.73 -0.74
N GLY A 301 -7.27 17.48 -1.81
CA GLY A 301 -8.19 17.04 -2.87
C GLY A 301 -9.53 17.72 -2.68
N ALA A 302 -10.60 17.02 -3.05
CA ALA A 302 -11.95 17.55 -2.90
C ALA A 302 -12.43 17.27 -1.47
N VAL A 303 -12.41 18.30 -0.62
CA VAL A 303 -12.74 18.12 0.80
C VAL A 303 -14.21 17.79 1.06
N ALA A 304 -14.45 17.00 2.10
CA ALA A 304 -15.80 16.54 2.45
C ALA A 304 -16.66 17.65 3.04
N LEU A 305 -16.00 18.68 3.58
CA LEU A 305 -16.70 19.80 4.17
C LEU A 305 -17.22 20.72 3.07
N LYS A 306 -18.53 20.74 2.91
CA LYS A 306 -19.18 21.50 1.82
C LYS A 306 -18.75 22.96 1.77
N SER A 307 -18.78 23.63 2.93
CA SER A 307 -18.46 25.06 2.99
C SER A 307 -17.09 25.40 2.41
N TYR A 308 -16.10 24.52 2.63
CA TYR A 308 -14.76 24.76 2.13
C TYR A 308 -14.58 24.26 0.69
N GLU A 309 -15.25 23.16 0.33
CA GLU A 309 -15.16 22.64 -1.03
C GLU A 309 -15.68 23.66 -2.05
N GLU A 310 -16.66 24.46 -1.63
CA GLU A 310 -17.21 25.54 -2.46
C GLU A 310 -16.13 26.51 -2.91
N GLU A 311 -15.13 26.71 -2.06
CA GLU A 311 -13.99 27.57 -2.37
C GLU A 311 -13.00 26.88 -3.31
N LEU A 312 -12.82 25.57 -3.13
CA LEU A 312 -11.83 24.81 -3.89
C LEU A 312 -12.34 24.34 -5.26
N ALA A 313 -13.67 24.29 -5.41
CA ALA A 313 -14.29 23.78 -6.64
C ALA A 313 -13.80 24.47 -7.92
N LYS A 314 -13.52 25.78 -7.82
CA LYS A 314 -13.07 26.56 -8.98
C LYS A 314 -11.70 26.15 -9.51
N ASP A 315 -10.95 25.38 -8.71
CA ASP A 315 -9.61 24.94 -9.06
C ASP A 315 -9.68 23.89 -10.16
N PRO A 316 -9.09 24.17 -11.34
CA PRO A 316 -9.11 23.25 -12.47
C PRO A 316 -8.48 21.89 -12.13
N ARG A 317 -7.52 21.88 -11.22
CA ARG A 317 -6.91 20.64 -10.74
C ARG A 317 -7.91 19.82 -9.92
N ILE A 318 -8.80 20.50 -9.22
CA ILE A 318 -9.86 19.84 -8.45
C ILE A 318 -10.95 19.33 -9.40
N ALA A 319 -11.26 20.14 -10.42
CA ALA A 319 -12.20 19.73 -11.45
C ALA A 319 -11.70 18.45 -12.15
N ALA A 320 -10.41 18.43 -12.47
CA ALA A 320 -9.79 17.24 -13.07
C ALA A 320 -9.87 16.05 -12.12
N THR A 321 -9.58 16.29 -10.84
CA THR A 321 -9.66 15.25 -9.81
C THR A 321 -11.04 14.61 -9.80
N MET A 322 -12.08 15.45 -9.82
CA MET A 322 -13.45 14.94 -9.77
C MET A 322 -13.92 14.29 -11.07
N GLU A 323 -13.39 14.75 -12.21
CA GLU A 323 -13.70 14.13 -13.49
C GLU A 323 -13.20 12.69 -13.51
N ASN A 324 -11.96 12.50 -13.03
CA ASN A 324 -11.39 11.17 -12.88
C ASN A 324 -12.15 10.35 -11.85
N ALA A 325 -12.55 11.00 -10.75
CA ALA A 325 -13.34 10.36 -9.71
C ALA A 325 -14.66 9.82 -10.28
N GLN A 326 -15.34 10.67 -11.06
CA GLN A 326 -16.61 10.32 -11.72
C GLN A 326 -16.48 9.09 -12.61
N LYS A 327 -15.35 8.99 -13.31
CA LYS A 327 -15.08 7.87 -14.21
C LYS A 327 -14.64 6.63 -13.43
N GLY A 328 -14.20 6.83 -12.19
CA GLY A 328 -13.70 5.75 -11.37
C GLY A 328 -14.76 5.14 -10.48
N GLU A 329 -14.31 4.55 -9.37
CA GLU A 329 -15.19 3.88 -8.43
C GLU A 329 -14.66 4.08 -7.01
N ILE A 330 -15.55 4.44 -6.08
CA ILE A 330 -15.23 4.49 -4.65
C ILE A 330 -14.88 3.08 -4.21
N MET A 331 -13.75 2.92 -3.53
CA MET A 331 -13.31 1.62 -3.05
C MET A 331 -14.27 1.05 -2.02
N PRO A 332 -14.43 -0.29 -2.02
CA PRO A 332 -15.13 -0.94 -0.90
C PRO A 332 -14.32 -0.72 0.37
N ASN A 333 -14.94 -0.92 1.53
CA ASN A 333 -14.20 -0.83 2.80
C ASN A 333 -14.22 -2.15 3.55
N ILE A 334 -14.70 -3.19 2.88
CA ILE A 334 -14.80 -4.52 3.49
C ILE A 334 -13.42 -5.02 3.96
N PRO A 335 -13.40 -5.89 5.00
CA PRO A 335 -12.13 -6.37 5.54
C PRO A 335 -11.24 -7.08 4.51
N GLN A 336 -11.84 -7.60 3.44
CA GLN A 336 -11.12 -8.32 2.39
C GLN A 336 -10.27 -7.41 1.49
N MET A 337 -10.38 -6.11 1.69
CA MET A 337 -9.58 -5.16 0.93
C MET A 337 -8.09 -5.34 1.18
N SER A 338 -7.73 -5.77 2.39
CA SER A 338 -6.34 -6.00 2.75
CA SER A 338 -6.35 -6.02 2.76
CA SER A 338 -6.34 -6.01 2.76
C SER A 338 -5.75 -7.12 1.90
N ALA A 339 -6.47 -8.24 1.78
CA ALA A 339 -6.01 -9.36 0.96
C ALA A 339 -6.02 -8.99 -0.52
N PHE A 340 -7.06 -8.26 -0.92
CA PHE A 340 -7.19 -7.79 -2.31
C PHE A 340 -5.98 -6.99 -2.73
N TRP A 341 -5.60 -5.99 -1.94
CA TRP A 341 -4.47 -5.14 -2.26
C TRP A 341 -3.13 -5.88 -2.27
N TYR A 342 -2.96 -6.81 -1.34
CA TYR A 342 -1.77 -7.66 -1.34
C TYR A 342 -1.70 -8.47 -2.63
N ALA A 343 -2.83 -9.08 -3.00
CA ALA A 343 -2.91 -9.92 -4.20
C ALA A 343 -2.60 -9.14 -5.47
N VAL A 344 -3.18 -7.95 -5.61
CA VAL A 344 -2.94 -7.12 -6.80
C VAL A 344 -1.55 -6.52 -6.83
N ARG A 345 -1.01 -6.13 -5.65
CA ARG A 345 0.37 -5.65 -5.60
C ARG A 345 1.33 -6.73 -6.09
N THR A 346 1.17 -7.94 -5.57
CA THR A 346 2.01 -9.07 -5.93
C THR A 346 1.89 -9.38 -7.43
N ALA A 347 0.67 -9.37 -7.95
CA ALA A 347 0.43 -9.63 -9.38
C ALA A 347 1.07 -8.59 -10.29
N VAL A 348 0.87 -7.30 -9.97
CA VAL A 348 1.43 -6.22 -10.78
C VAL A 348 2.97 -6.29 -10.79
N ILE A 349 3.56 -6.38 -9.60
CA ILE A 349 5.01 -6.43 -9.47
C ILE A 349 5.62 -7.67 -10.14
N ASN A 350 4.95 -8.81 -10.02
CA ASN A 350 5.40 -10.06 -10.64
C ASN A 350 5.30 -10.08 -12.16
N ALA A 351 4.23 -9.49 -12.70
CA ALA A 351 4.07 -9.37 -14.14
C ALA A 351 5.08 -8.37 -14.70
N ALA A 352 5.34 -7.31 -13.95
CA ALA A 352 6.29 -6.27 -14.34
C ALA A 352 7.73 -6.78 -14.35
N SER A 353 8.08 -7.58 -13.34
CA SER A 353 9.44 -8.11 -13.21
C SER A 353 9.70 -9.33 -14.10
N GLY A 354 8.64 -9.92 -14.63
CA GLY A 354 8.76 -11.13 -15.44
C GLY A 354 8.79 -12.40 -14.61
N ARG A 355 8.58 -12.23 -13.30
CA ARG A 355 8.50 -13.36 -12.37
C ARG A 355 7.38 -14.31 -12.78
N GLN A 356 6.27 -13.72 -13.22
CA GLN A 356 5.11 -14.44 -13.72
C GLN A 356 4.64 -13.79 -15.02
N THR A 357 3.91 -14.56 -15.82
CA THR A 357 3.21 -13.99 -16.98
C THR A 357 2.00 -13.25 -16.44
N VAL A 358 1.35 -12.45 -17.28
CA VAL A 358 0.14 -11.75 -16.86
C VAL A 358 -0.95 -12.74 -16.41
N ASP A 359 -1.15 -13.79 -17.20
CA ASP A 359 -2.17 -14.79 -16.89
C ASP A 359 -1.87 -15.56 -15.60
N GLU A 360 -0.59 -15.83 -15.35
CA GLU A 360 -0.16 -16.48 -14.11
C GLU A 360 -0.36 -15.55 -12.91
N ALA A 361 0.04 -14.29 -13.08
CA ALA A 361 -0.04 -13.28 -12.03
C ALA A 361 -1.48 -13.03 -11.57
N LEU A 362 -2.38 -12.87 -12.52
CA LEU A 362 -3.78 -12.56 -12.22
C LEU A 362 -4.59 -13.77 -11.77
N ALA A 363 -4.20 -14.96 -12.25
CA ALA A 363 -4.82 -16.20 -11.77
C ALA A 363 -4.59 -16.37 -10.27
N ALA A 364 -3.33 -16.17 -9.84
CA ALA A 364 -3.00 -16.22 -8.42
C ALA A 364 -3.73 -15.13 -7.63
N ALA A 365 -3.80 -13.94 -8.21
CA ALA A 365 -4.49 -12.80 -7.60
C ALA A 365 -5.97 -13.09 -7.35
N GLN A 366 -6.62 -13.76 -8.31
CA GLN A 366 -8.02 -14.14 -8.17
C GLN A 366 -8.22 -15.12 -7.02
N THR A 367 -7.29 -16.07 -6.89
CA THR A 367 -7.31 -17.06 -5.82
C THR A 367 -7.17 -16.45 -4.43
N ASN A 368 -6.31 -15.44 -4.32
CA ASN A 368 -5.95 -14.87 -3.02
C ASN A 368 -6.57 -13.52 -2.67
N ALA A 369 -7.45 -13.02 -3.53
CA ALA A 369 -8.08 -11.70 -3.35
C ALA A 369 -8.89 -11.57 -2.06
N ALA A 370 -9.48 -12.67 -1.61
CA ALA A 370 -10.30 -12.68 -0.40
C ALA A 370 -9.87 -13.79 0.56
N ALA A 371 -8.60 -14.20 0.45
CA ALA A 371 -8.07 -15.32 1.22
C ALA A 371 -7.70 -14.92 2.65
N GLU A 372 -7.79 -15.87 3.57
CA GLU A 372 -7.32 -15.69 4.94
C GLU A 372 -5.80 -15.64 4.89
N PHE A 373 -5.21 -14.81 5.74
CA PHE A 373 -3.77 -14.73 5.81
C PHE A 373 -3.27 -14.31 7.19
N GLY A 374 -1.99 -14.55 7.43
CA GLY A 374 -1.34 -14.11 8.65
C GLY A 374 -0.12 -13.28 8.35
N SER A 375 0.58 -12.87 9.41
CA SER A 375 1.81 -12.12 9.27
C SER A 375 2.83 -12.67 10.26
N SER A 376 4.11 -12.58 9.89
CA SER A 376 5.17 -13.00 10.80
CA SER A 376 5.19 -13.01 10.79
C SER A 376 5.46 -11.95 11.85
N TYR A 377 5.64 -12.39 13.09
CA TYR A 377 5.90 -11.50 14.20
C TYR A 377 7.05 -10.55 13.87
N TRP A 378 8.01 -11.05 13.08
CA TRP A 378 9.21 -10.29 12.74
C TRP A 378 9.00 -9.39 11.54
N THR A 379 9.37 -8.12 11.69
CA THR A 379 9.22 -7.14 10.62
C THR A 379 10.59 -6.66 10.15
N SER A 380 10.63 -6.13 8.93
CA SER A 380 11.86 -5.65 8.32
C SER A 380 11.57 -4.62 7.24
N GLU A 381 12.51 -3.71 7.03
CA GLU A 381 12.43 -2.75 5.94
C GLU A 381 12.71 -3.42 4.58
N TYR A 382 13.32 -4.61 4.60
CA TYR A 382 13.78 -5.28 3.38
C TYR A 382 12.79 -6.25 2.73
N ASN A 383 12.07 -6.99 3.57
CA ASN A 383 11.06 -7.93 3.10
C ASN A 383 9.72 -7.65 3.79
N PRO A 384 8.60 -7.75 3.05
CA PRO A 384 7.29 -7.69 3.72
C PRO A 384 7.14 -8.84 4.70
N ASN A 385 6.23 -8.71 5.66
CA ASN A 385 5.99 -9.79 6.62
C ASN A 385 4.60 -10.40 6.46
N ALA A 386 3.93 -10.01 5.37
CA ALA A 386 2.57 -10.42 5.07
C ALA A 386 2.30 -10.22 3.57
N PRO A 387 1.29 -10.92 3.01
CA PRO A 387 0.47 -11.92 3.68
C PRO A 387 1.09 -13.31 3.64
N ILE A 388 0.90 -14.05 4.72
CA ILE A 388 1.26 -15.47 4.75
C ILE A 388 -0.04 -16.22 4.53
N LEU A 389 -0.19 -16.81 3.37
CA LEU A 389 -1.42 -17.51 3.06
C LEU A 389 -1.14 -18.93 2.62
N VAL A 390 -2.21 -19.71 2.42
CA VAL A 390 -2.07 -21.06 1.90
C VAL A 390 -1.31 -20.99 0.58
N GLY A 391 -0.23 -21.77 0.48
CA GLY A 391 0.59 -21.77 -0.73
C GLY A 391 1.83 -20.91 -0.63
N SER A 392 1.88 -20.04 0.38
CA SER A 392 3.07 -19.24 0.65
C SER A 392 4.24 -20.17 0.98
N GLU A 393 5.44 -19.74 0.60
CA GLU A 393 6.67 -20.42 1.01
C GLU A 393 7.20 -19.65 2.21
N VAL A 394 7.58 -20.37 3.26
CA VAL A 394 8.10 -19.72 4.46
C VAL A 394 9.36 -20.42 4.96
N ALA A 395 10.16 -19.69 5.74
CA ALA A 395 11.26 -20.29 6.46
C ALA A 395 10.71 -20.63 7.83
N TYR A 396 10.84 -21.89 8.23
CA TYR A 396 10.30 -22.35 9.49
C TYR A 396 11.42 -22.79 10.44
N LYS A 397 11.34 -22.33 11.67
CA LYS A 397 12.29 -22.71 12.72
C LYS A 397 11.68 -23.84 13.55
N PRO A 398 12.20 -25.08 13.39
CA PRO A 398 11.69 -26.22 14.15
C PRO A 398 12.04 -26.12 15.63
N ARG A 399 11.12 -26.57 16.49
CA ARG A 399 11.28 -26.42 17.95
C ARG A 399 12.31 -27.39 18.54
N ARG A 400 12.62 -28.46 17.78
CA ARG A 400 13.61 -29.48 18.18
C ARG A 400 14.27 -30.04 16.91
N GLY A 401 14.74 -29.12 16.05
CA GLY A 401 15.29 -29.50 14.75
C GLY A 401 16.81 -29.38 14.64
N SER A 402 17.24 -28.52 13.70
CA SER A 402 18.69 -28.32 13.46
C SER A 402 19.21 -27.09 14.25
N ALA A 403 20.34 -27.36 14.95
CA ALA A 403 20.78 -26.35 16.04
C ALA A 403 21.53 -25.01 15.65
N ASP A 404 22.19 -25.00 14.46
CA ASP A 404 23.09 -23.87 14.09
C ASP A 404 22.37 -22.62 13.57
N GLY A 405 21.25 -22.25 14.21
CA GLY A 405 20.44 -21.11 13.78
C GLY A 405 19.88 -21.30 12.38
N GLU A 406 19.44 -22.52 12.08
CA GLU A 406 18.97 -22.90 10.75
C GLU A 406 17.46 -22.97 10.67
N TRP A 407 16.93 -22.54 9.52
CA TRP A 407 15.50 -22.60 9.25
C TRP A 407 15.26 -23.47 8.01
N ILE A 408 14.09 -24.09 7.92
CA ILE A 408 13.74 -24.95 6.79
C ILE A 408 12.72 -24.26 5.88
N GLN A 409 12.91 -24.38 4.57
CA GLN A 409 11.94 -23.86 3.61
C GLN A 409 10.71 -24.78 3.57
N CYS A 410 9.57 -24.25 4.01
CA CYS A 410 8.32 -25.01 4.06
C CYS A 410 7.21 -24.31 3.27
N GLU A 411 6.14 -25.07 2.99
CA GLU A 411 4.97 -24.52 2.32
C GLU A 411 3.80 -24.47 3.31
N VAL A 412 3.08 -23.35 3.30
CA VAL A 412 1.91 -23.18 4.17
C VAL A 412 0.74 -23.96 3.61
N LEU A 413 0.20 -24.88 4.41
CA LEU A 413 -0.95 -25.68 4.02
C LEU A 413 -2.24 -25.10 4.58
N LYS A 414 -2.13 -24.45 5.74
CA LYS A 414 -3.31 -23.93 6.43
C LYS A 414 -3.03 -22.69 7.27
N VAL A 415 -3.98 -21.75 7.23
CA VAL A 415 -3.94 -20.56 8.08
C VAL A 415 -5.13 -20.70 9.05
N VAL A 416 -4.83 -20.73 10.34
CA VAL A 416 -5.86 -20.97 11.36
C VAL A 416 -5.76 -19.97 12.52
N ALA A 417 -6.68 -20.10 13.47
CA ALA A 417 -6.73 -19.25 14.67
C ALA A 417 -6.66 -17.76 14.30
N ASP A 418 -7.54 -17.34 13.39
CA ASP A 418 -7.62 -15.95 12.93
C ASP A 418 -6.32 -15.44 12.32
N GLY A 419 -5.59 -16.34 11.65
CA GLY A 419 -4.33 -15.98 11.01
C GLY A 419 -3.13 -15.91 11.95
N THR A 420 -3.30 -16.41 13.17
CA THR A 420 -2.22 -16.33 14.16
C THR A 420 -1.42 -17.63 14.24
N ARG A 421 -1.94 -18.69 13.63
CA ARG A 421 -1.25 -19.99 13.62
C ARG A 421 -1.29 -20.61 12.23
N PHE A 422 -0.32 -21.48 11.95
CA PHE A 422 -0.15 -22.04 10.61
C PHE A 422 0.16 -23.52 10.66
N GLU A 423 -0.21 -24.23 9.59
CA GLU A 423 0.25 -25.60 9.38
C GLU A 423 1.16 -25.57 8.16
N VAL A 424 2.41 -26.00 8.34
CA VAL A 424 3.40 -25.96 7.26
C VAL A 424 4.01 -27.34 7.00
N ARG A 425 4.23 -27.65 5.72
CA ARG A 425 4.77 -28.95 5.32
CA ARG A 425 4.78 -28.95 5.32
C ARG A 425 6.29 -28.87 5.13
N ASP A 426 7.01 -29.73 5.84
CA ASP A 426 8.46 -29.81 5.77
C ASP A 426 8.88 -30.80 4.70
N PRO A 427 9.56 -30.32 3.63
CA PRO A 427 10.03 -31.20 2.57
C PRO A 427 11.18 -32.12 3.02
N GLU A 428 11.92 -31.68 4.04
CA GLU A 428 13.02 -32.45 4.60
C GLU A 428 12.51 -33.53 5.54
N PRO A 429 13.22 -34.68 5.62
CA PRO A 429 12.78 -35.78 6.48
C PRO A 429 12.85 -35.44 7.97
N ASP A 430 11.86 -35.91 8.73
CA ASP A 430 11.84 -35.71 10.18
C ASP A 430 12.87 -36.60 10.87
N GLU A 431 12.79 -36.69 12.21
CA GLU A 431 13.70 -37.51 13.00
C GLU A 431 13.59 -39.01 12.69
N LEU A 432 12.46 -39.42 12.11
CA LEU A 432 12.25 -40.80 11.68
C LEU A 432 12.60 -41.05 10.22
N GLY A 433 13.09 -40.00 9.54
CA GLY A 433 13.48 -40.10 8.13
C GLY A 433 12.32 -39.95 7.16
N ASN A 434 11.18 -39.46 7.66
CA ASN A 434 10.00 -39.26 6.85
C ASN A 434 9.79 -37.81 6.44
N SER A 435 9.78 -37.56 5.13
CA SER A 435 9.61 -36.21 4.60
C SER A 435 8.14 -35.89 4.32
N GLY A 436 7.80 -34.61 4.40
CA GLY A 436 6.42 -34.16 4.18
C GLY A 436 5.60 -34.09 5.44
N LYS A 437 6.27 -33.92 6.58
CA LYS A 437 5.60 -33.79 7.87
C LYS A 437 4.99 -32.40 8.03
N VAL A 438 3.74 -32.36 8.50
CA VAL A 438 3.03 -31.10 8.71
C VAL A 438 3.20 -30.65 10.16
N TYR A 439 3.66 -29.40 10.32
CA TYR A 439 3.88 -28.82 11.64
C TYR A 439 2.98 -27.63 11.91
N LYS A 440 2.53 -27.51 13.16
CA LYS A 440 1.76 -26.35 13.62
CA LYS A 440 1.76 -26.34 13.60
C LYS A 440 2.71 -25.33 14.26
N CYS A 441 2.61 -24.08 13.86
CA CYS A 441 3.49 -23.04 14.40
C CYS A 441 2.81 -21.69 14.59
N ASN A 442 3.44 -20.84 15.40
CA ASN A 442 2.93 -19.49 15.64
C ASN A 442 3.66 -18.45 14.78
N ARG A 443 3.31 -17.19 14.97
CA ARG A 443 3.86 -16.09 14.18
C ARG A 443 5.36 -15.87 14.35
N LYS A 444 5.91 -16.31 15.47
CA LYS A 444 7.34 -16.12 15.76
C LYS A 444 8.23 -17.21 15.15
N GLU A 445 7.62 -18.26 14.64
CA GLU A 445 8.37 -19.43 14.15
C GLU A 445 8.53 -19.47 12.64
N LEU A 446 8.15 -18.39 11.96
CA LEU A 446 8.26 -18.37 10.50
C LEU A 446 8.53 -17.00 9.90
N LEU A 447 9.16 -17.02 8.73
CA LEU A 447 9.44 -15.82 7.96
C LEU A 447 8.87 -15.98 6.57
N LEU A 448 8.25 -14.93 6.03
CA LEU A 448 7.68 -14.99 4.69
C LEU A 448 8.77 -14.91 3.63
N ILE A 449 8.83 -15.91 2.77
CA ILE A 449 9.72 -15.87 1.60
C ILE A 449 8.96 -15.13 0.50
N PRO A 450 9.53 -14.02 -0.01
CA PRO A 450 8.86 -13.24 -1.05
C PRO A 450 8.45 -14.09 -2.26
N PRO A 451 7.20 -13.92 -2.73
CA PRO A 451 6.74 -14.66 -3.91
C PRO A 451 7.19 -14.03 -5.23
N GLY A 452 8.08 -13.05 -5.16
CA GLY A 452 8.57 -12.36 -6.35
C GLY A 452 10.03 -11.99 -6.22
N PHE A 453 10.50 -11.13 -7.12
CA PHE A 453 11.88 -10.65 -7.10
C PHE A 453 11.98 -9.32 -6.38
N PRO A 454 12.38 -9.33 -5.09
CA PRO A 454 12.49 -8.10 -4.31
C PRO A 454 13.35 -7.04 -5.01
N THR A 455 12.94 -5.78 -4.87
CA THR A 455 13.63 -4.66 -5.52
C THR A 455 14.61 -3.99 -4.56
N LYS A 456 14.46 -4.29 -3.28
CA LYS A 456 15.23 -3.65 -2.21
C LYS A 456 16.50 -4.43 -1.86
N ASN A 457 17.64 -3.84 -2.16
CA ASN A 457 18.95 -4.47 -1.90
C ASN A 457 19.36 -4.38 -0.44
N TYR A 458 20.10 -5.38 0.02
CA TYR A 458 20.67 -5.36 1.37
C TYR A 458 21.98 -4.58 1.35
N PRO A 459 22.14 -3.59 2.27
CA PRO A 459 23.42 -2.91 2.41
C PRO A 459 24.51 -3.87 2.88
N PRO A 460 25.75 -3.69 2.41
CA PRO A 460 26.85 -4.58 2.81
C PRO A 460 27.01 -4.62 4.32
N GLY A 461 27.20 -5.82 4.87
CA GLY A 461 27.31 -6.01 6.30
C GLY A 461 26.04 -6.55 6.95
N THR A 462 24.91 -6.43 6.25
CA THR A 462 23.62 -6.89 6.78
C THR A 462 23.65 -8.37 7.14
N LYS A 463 23.15 -8.68 8.34
CA LYS A 463 23.03 -10.06 8.82
C LYS A 463 21.77 -10.69 8.25
N VAL A 464 21.92 -11.83 7.59
CA VAL A 464 20.80 -12.47 6.88
C VAL A 464 20.68 -13.99 7.12
N LEU A 465 19.56 -14.55 6.67
CA LEU A 465 19.34 -15.98 6.64
C LEU A 465 19.07 -16.36 5.19
N ALA A 466 19.95 -17.17 4.62
CA ALA A 466 19.89 -17.45 3.19
C ALA A 466 19.92 -18.95 2.90
N ARG A 467 19.13 -19.36 1.91
CA ARG A 467 19.11 -20.75 1.52
C ARG A 467 20.42 -21.12 0.84
N TYR A 468 21.07 -22.18 1.31
CA TYR A 468 22.30 -22.62 0.68
C TYR A 468 21.97 -23.26 -0.67
N PRO A 469 22.67 -22.82 -1.73
CA PRO A 469 22.42 -23.34 -3.07
C PRO A 469 22.34 -24.86 -3.11
N GLU A 470 21.36 -25.38 -3.84
CA GLU A 470 21.10 -26.82 -3.96
C GLU A 470 20.34 -27.42 -2.77
N THR A 471 20.10 -26.63 -1.73
CA THR A 471 19.39 -27.13 -0.53
C THR A 471 18.06 -26.41 -0.33
N THR A 472 17.30 -26.87 0.67
CA THR A 472 16.07 -26.21 1.08
C THR A 472 16.20 -25.72 2.53
N THR A 473 17.44 -25.42 2.92
CA THR A 473 17.75 -24.99 4.28
C THR A 473 18.38 -23.60 4.29
N PHE A 474 17.96 -22.77 5.25
CA PHE A 474 18.49 -21.42 5.42
C PHE A 474 19.61 -21.41 6.46
N TYR A 475 20.70 -20.72 6.15
CA TYR A 475 21.85 -20.62 7.05
C TYR A 475 22.19 -19.16 7.30
N PRO A 476 22.70 -18.84 8.51
CA PRO A 476 23.13 -17.48 8.82
C PRO A 476 24.29 -17.04 7.91
N ALA A 477 24.26 -15.79 7.47
CA ALA A 477 25.27 -15.23 6.56
C ALA A 477 25.33 -13.69 6.63
N ILE A 478 26.41 -13.13 6.09
CA ILE A 478 26.58 -11.68 5.98
C ILE A 478 26.55 -11.25 4.51
N VAL A 479 25.94 -10.12 4.24
CA VAL A 479 25.92 -9.56 2.89
C VAL A 479 27.22 -8.80 2.63
N ILE A 480 27.97 -9.24 1.61
CA ILE A 480 29.21 -8.58 1.23
C ILE A 480 28.94 -7.52 0.17
N GLY A 481 28.06 -7.86 -0.78
CA GLY A 481 27.69 -6.94 -1.85
C GLY A 481 26.49 -7.41 -2.63
N THR A 482 26.16 -6.66 -3.68
CA THR A 482 25.04 -7.00 -4.54
C THR A 482 25.43 -6.81 -6.00
N LYS A 483 25.28 -7.87 -6.78
CA LYS A 483 25.54 -7.86 -8.22
C LYS A 483 24.61 -6.87 -8.91
N ARG A 484 24.93 -6.50 -10.14
CA ARG A 484 24.12 -5.56 -10.91
C ARG A 484 22.68 -6.07 -11.11
N ASP A 485 22.53 -7.38 -11.21
CA ASP A 485 21.21 -7.99 -11.43
C ASP A 485 20.44 -8.23 -10.13
N GLY A 486 21.05 -7.87 -9.00
CA GLY A 486 20.40 -7.99 -7.70
C GLY A 486 20.78 -9.21 -6.88
N THR A 487 21.54 -10.12 -7.48
CA THR A 487 22.01 -11.33 -6.78
C THR A 487 22.92 -10.95 -5.61
N CYS A 488 22.69 -11.59 -4.46
CA CYS A 488 23.42 -11.28 -3.24
C CYS A 488 24.73 -12.07 -3.16
N ARG A 489 25.85 -11.36 -3.07
CA ARG A 489 27.13 -12.01 -2.78
C ARG A 489 27.22 -12.17 -1.28
N LEU A 490 27.26 -13.41 -0.82
CA LEU A 490 27.22 -13.69 0.61
C LEU A 490 28.47 -14.36 1.13
N ARG A 491 28.63 -14.29 2.45
CA ARG A 491 29.63 -15.05 3.17
C ARG A 491 28.86 -15.80 4.24
N PHE A 492 28.66 -17.09 4.02
CA PHE A 492 27.99 -17.92 5.02
C PHE A 492 28.92 -18.06 6.22
N ASP A 493 28.42 -17.69 7.40
CA ASP A 493 29.19 -17.81 8.62
C ASP A 493 29.20 -19.26 9.06
N GLY A 494 28.94 -20.18 8.11
CA GLY A 494 28.74 -21.62 8.40
C GLY A 494 30.01 -22.42 8.63
N GLU A 495 30.93 -22.37 7.62
CA GLU A 495 32.14 -23.21 7.79
C GLU A 495 33.08 -22.80 8.86
N GLU A 496 34.07 -23.67 9.13
CA GLU A 496 34.97 -23.56 10.17
C GLU A 496 36.37 -22.91 9.85
N GLU A 497 36.55 -22.38 8.60
CA GLU A 497 37.94 -21.97 8.19
C GLU A 497 38.05 -20.72 7.26
N VAL A 498 37.60 -20.88 6.02
CA VAL A 498 37.81 -19.86 4.99
C VAL A 498 36.57 -19.03 4.67
N ASP A 499 36.81 -17.75 4.39
CA ASP A 499 35.77 -16.84 3.97
C ASP A 499 35.57 -16.95 2.46
N LYS A 500 34.72 -17.90 2.05
CA LYS A 500 34.32 -18.01 0.64
C LYS A 500 33.27 -16.96 0.35
N GLU A 501 32.93 -16.81 -0.94
CA GLU A 501 31.84 -15.94 -1.34
C GLU A 501 30.83 -16.73 -2.16
N THR A 502 29.62 -16.87 -1.63
CA THR A 502 28.56 -17.62 -2.30
C THR A 502 27.47 -16.67 -2.79
N GLU A 503 27.12 -16.80 -4.08
CA GLU A 503 26.04 -16.02 -4.66
C GLU A 503 24.70 -16.71 -4.40
N VAL A 504 23.72 -15.93 -3.94
CA VAL A 504 22.38 -16.45 -3.67
C VAL A 504 21.33 -15.49 -4.21
N THR A 505 20.30 -16.03 -4.86
CA THR A 505 19.18 -15.23 -5.37
C THR A 505 18.58 -14.39 -4.24
N ARG A 506 18.37 -13.10 -4.51
CA ARG A 506 17.84 -12.15 -3.53
C ARG A 506 16.56 -12.64 -2.83
N ARG A 507 15.67 -13.26 -3.61
CA ARG A 507 14.42 -13.78 -3.07
C ARG A 507 14.66 -14.77 -1.91
N LEU A 508 15.78 -15.47 -1.95
CA LEU A 508 16.09 -16.48 -0.95
C LEU A 508 17.05 -16.00 0.14
N VAL A 509 17.22 -14.69 0.22
CA VAL A 509 18.01 -14.05 1.26
C VAL A 509 17.06 -13.26 2.13
N LEU A 510 16.88 -13.72 3.38
CA LEU A 510 15.91 -13.15 4.30
C LEU A 510 16.60 -12.33 5.39
N PRO A 511 15.92 -11.28 5.90
CA PRO A 511 16.51 -10.50 6.98
C PRO A 511 16.50 -11.30 8.27
N SER A 512 17.64 -11.36 8.95
CA SER A 512 17.73 -12.07 10.23
C SER A 512 16.93 -11.33 11.30
N PRO A 513 16.03 -12.05 12.01
CA PRO A 513 15.17 -11.46 13.05
C PRO A 513 15.99 -10.80 14.16
#